data_5YL6
#
_entry.id   5YL6
#
_cell.length_a   71.114
_cell.length_b   80.312
_cell.length_c   82.607
_cell.angle_alpha   90.000
_cell.angle_beta   90.000
_cell.angle_gamma   90.000
#
_symmetry.space_group_name_H-M   'I 2 2 2'
#
loop_
_entity.id
_entity.type
_entity.pdbx_description
1 polymer 'Uncharacterized protein P8A3.02c'
2 non-polymer 'FE (III) ION'
3 non-polymer '2-OXOGLUTARIC ACID'
4 non-polymer 'ACETATE ION'
5 water water
#
_entity_poly.entity_id   1
_entity_poly.type   'polypeptide(L)'
_entity_poly.pdbx_seq_one_letter_code
;DFENWTVVPVETIEGINYYPNCLPESVQRNLINNVPKELLSIYGSGKQSHAYLPFPAHINCLNDYIPSDFKQRLWKGQDA
EAIIMQVYNPGDGIIPHKDLEMFGDGVAIFSFLSNTTMIFTHPELKLKSKIRLEKGSLLLMSGTARYDWFHEIPFRAGDW
VMNDGEEKWVSRSQRLSVTMRRII
;
_entity_poly.pdbx_strand_id   A
#
# COMPACT_ATOMS: atom_id res chain seq x y z
N ASP A 1 -19.47 -12.74 -11.12
CA ASP A 1 -18.95 -11.44 -11.64
C ASP A 1 -17.65 -11.67 -12.38
N PHE A 2 -17.38 -10.81 -13.36
CA PHE A 2 -16.05 -10.77 -14.01
C PHE A 2 -15.72 -11.99 -14.88
N GLU A 3 -16.75 -12.66 -15.40
CA GLU A 3 -16.56 -13.87 -16.20
C GLU A 3 -15.98 -13.53 -17.55
N ASN A 4 -16.15 -12.27 -17.96
CA ASN A 4 -15.49 -11.75 -19.16
C ASN A 4 -14.00 -11.46 -18.94
N TRP A 5 -13.54 -11.52 -17.68
CA TRP A 5 -12.19 -10.99 -17.30
C TRP A 5 -11.17 -12.11 -17.12
N THR A 6 -9.89 -11.73 -17.22
CA THR A 6 -8.75 -12.61 -16.95
C THR A 6 -7.95 -12.07 -15.76
N VAL A 7 -7.46 -12.96 -14.91
CA VAL A 7 -6.48 -12.61 -13.84
C VAL A 7 -5.07 -12.92 -14.30
N VAL A 8 -4.25 -11.89 -14.36
CA VAL A 8 -2.92 -11.99 -14.84
C VAL A 8 -1.94 -11.75 -13.69
N PRO A 9 -0.69 -12.17 -13.88
CA PRO A 9 0.32 -11.86 -12.85
C PRO A 9 0.63 -10.37 -12.74
N VAL A 10 0.86 -9.93 -11.52
CA VAL A 10 1.18 -8.53 -11.27
C VAL A 10 2.46 -8.07 -12.00
N GLU A 11 3.30 -9.02 -12.37
CA GLU A 11 4.50 -8.73 -13.16
C GLU A 11 4.20 -8.14 -14.53
N THR A 12 3.00 -8.39 -15.05
CA THR A 12 2.63 -7.88 -16.39
C THR A 12 2.22 -6.41 -16.34
N ILE A 13 2.12 -5.87 -15.13
CA ILE A 13 1.74 -4.47 -14.93
C ILE A 13 2.99 -3.58 -14.74
N GLU A 14 3.35 -2.85 -15.80
CA GLU A 14 4.49 -1.92 -15.70
C GLU A 14 4.24 -0.86 -14.59
N GLY A 15 5.27 -0.64 -13.77
CA GLY A 15 5.24 0.38 -12.74
C GLY A 15 4.75 -0.13 -11.40
N ILE A 16 4.61 -1.43 -11.27
CA ILE A 16 4.46 -2.02 -9.95
C ILE A 16 5.76 -2.67 -9.52
N ASN A 17 6.30 -2.19 -8.40
CA ASN A 17 7.48 -2.79 -7.78
C ASN A 17 7.23 -3.12 -6.31
N TYR A 18 7.44 -4.37 -5.91
CA TYR A 18 7.13 -4.78 -4.55
C TYR A 18 8.35 -5.35 -3.86
N TYR A 19 8.58 -4.89 -2.62
CA TYR A 19 9.79 -5.24 -1.86
C TYR A 19 9.34 -5.80 -0.50
N PRO A 20 9.29 -7.12 -0.39
CA PRO A 20 8.99 -7.76 0.86
C PRO A 20 10.11 -7.49 1.88
N ASN A 21 9.76 -7.45 3.14
CA ASN A 21 10.78 -7.39 4.19
C ASN A 21 11.71 -6.21 3.96
N CYS A 22 11.15 -5.13 3.47
CA CYS A 22 11.89 -3.91 3.22
C CYS A 22 12.29 -3.23 4.53
N LEU A 23 11.37 -3.18 5.49
CA LEU A 23 11.63 -2.49 6.74
C LEU A 23 12.05 -3.45 7.80
N PRO A 24 13.19 -3.18 8.46
CA PRO A 24 13.52 -3.98 9.60
C PRO A 24 12.45 -3.91 10.67
N GLU A 25 12.37 -4.92 11.51
CA GLU A 25 11.42 -4.91 12.60
C GLU A 25 11.61 -3.73 13.51
N SER A 26 12.87 -3.35 13.75
CA SER A 26 13.17 -2.24 14.63
C SER A 26 12.53 -0.95 14.13
N VAL A 27 12.48 -0.79 12.82
CA VAL A 27 11.92 0.40 12.22
C VAL A 27 10.40 0.38 12.35
N GLN A 28 9.80 -0.78 12.09
CA GLN A 28 8.38 -0.97 12.22
C GLN A 28 7.91 -0.71 13.66
N ARG A 29 8.59 -1.29 14.63
CA ARG A 29 8.25 -1.03 16.04
C ARG A 29 8.39 0.42 16.44
N ASN A 30 9.45 1.08 15.98
CA ASN A 30 9.68 2.48 16.36
C ASN A 30 8.55 3.37 15.84
N LEU A 31 8.11 3.10 14.63
CA LEU A 31 6.98 3.83 14.03
C LEU A 31 5.69 3.57 14.81
N ILE A 32 5.40 2.29 15.01
CA ILE A 32 4.15 1.89 15.66
C ILE A 32 4.10 2.42 17.10
N ASN A 33 5.23 2.42 17.81
CA ASN A 33 5.28 2.95 19.20
C ASN A 33 4.95 4.42 19.23
N ASN A 34 5.17 5.08 18.11
CA ASN A 34 5.10 6.52 18.06
C ASN A 34 3.90 7.08 17.30
N VAL A 35 3.02 6.22 16.82
CA VAL A 35 1.74 6.72 16.34
C VAL A 35 0.79 6.99 17.53
N PRO A 36 0.00 8.07 17.43
CA PRO A 36 -0.96 8.37 18.49
C PRO A 36 -1.84 7.19 18.78
N LYS A 37 -2.01 6.85 20.05
CA LYS A 37 -2.68 5.60 20.41
C LYS A 37 -4.15 5.56 19.96
N GLU A 38 -4.76 6.71 19.78
CA GLU A 38 -6.14 6.77 19.31
C GLU A 38 -6.26 6.26 17.88
N LEU A 39 -5.18 6.38 17.11
CA LEU A 39 -5.20 6.00 15.71
C LEU A 39 -5.34 4.49 15.56
N LEU A 40 -4.86 3.74 16.55
CA LEU A 40 -4.84 2.30 16.49
C LEU A 40 -6.02 1.62 17.21
N SER A 41 -7.10 2.35 17.39
CA SER A 41 -8.28 1.80 18.04
C SER A 41 -8.80 0.60 17.26
N ILE A 42 -9.11 -0.49 18.00
CA ILE A 42 -9.57 -1.72 17.38
C ILE A 42 -11.07 -1.70 17.08
N TYR A 43 -11.75 -0.59 17.41
CA TYR A 43 -13.21 -0.58 17.41
C TYR A 43 -13.76 0.21 16.24
N GLY A 44 -14.79 -0.35 15.61
CA GLY A 44 -15.33 0.20 14.40
C GLY A 44 -14.30 0.29 13.29
N SER A 45 -14.34 1.40 12.56
CA SER A 45 -13.64 1.55 11.31
C SER A 45 -12.32 2.23 11.54
N GLY A 46 -11.28 1.77 10.86
CA GLY A 46 -9.93 2.27 11.09
C GLY A 46 -9.87 3.76 10.83
N LYS A 47 -9.12 4.47 11.66
CA LYS A 47 -8.94 5.90 11.49
C LYS A 47 -7.76 6.20 10.57
N GLN A 48 -7.67 7.44 10.15
CA GLN A 48 -6.66 7.88 9.22
C GLN A 48 -6.07 9.15 9.79
N SER A 49 -4.95 9.57 9.22
CA SER A 49 -4.22 10.69 9.76
C SER A 49 -3.34 11.28 8.66
N HIS A 50 -3.56 12.56 8.34
CA HIS A 50 -2.67 13.27 7.41
C HIS A 50 -1.49 13.84 8.17
N ALA A 51 -0.30 13.75 7.59
CA ALA A 51 0.89 14.39 8.14
C ALA A 51 1.56 15.27 7.07
N TYR A 52 2.07 16.43 7.48
CA TYR A 52 2.81 17.33 6.57
C TYR A 52 4.17 17.76 7.13
N LEU A 53 5.16 17.81 6.23
CA LEU A 53 6.55 18.01 6.61
C LEU A 53 6.65 19.30 7.41
N PRO A 54 7.53 19.33 8.41
CA PRO A 54 8.62 18.38 8.63
C PRO A 54 8.15 17.15 9.42
N PHE A 55 8.42 15.95 8.92
CA PHE A 55 8.00 14.75 9.64
C PHE A 55 9.00 14.41 10.75
N PRO A 56 8.50 13.83 11.86
CA PRO A 56 9.38 13.33 12.88
C PRO A 56 10.11 12.11 12.43
N ALA A 57 11.17 11.79 13.15
CA ALA A 57 12.15 10.84 12.69
C ALA A 57 11.52 9.47 12.43
N HIS A 58 10.56 9.05 13.27
CA HIS A 58 9.96 7.69 13.15
C HIS A 58 9.17 7.49 11.85
N ILE A 59 8.74 8.61 11.26
CA ILE A 59 8.14 8.62 9.92
C ILE A 59 9.22 8.89 8.85
N ASN A 60 10.00 9.93 9.10
CA ASN A 60 10.82 10.49 8.10
C ASN A 60 11.86 9.54 7.61
N CYS A 61 12.26 8.60 8.48
CA CYS A 61 13.20 7.58 8.12
C CYS A 61 12.69 6.64 7.01
N LEU A 62 11.38 6.57 6.82
CA LEU A 62 10.83 5.73 5.76
C LEU A 62 11.31 6.17 4.39
N ASN A 63 11.52 7.48 4.22
CA ASN A 63 12.14 8.03 3.00
C ASN A 63 13.47 7.34 2.62
N ASP A 64 14.18 6.82 3.61
CA ASP A 64 15.47 6.19 3.39
C ASP A 64 15.36 4.81 2.79
N TYR A 65 14.19 4.18 2.93
CA TYR A 65 13.98 2.82 2.42
C TYR A 65 13.25 2.82 1.06
N ILE A 66 12.91 3.98 0.55
CA ILE A 66 12.44 4.11 -0.85
C ILE A 66 13.66 4.14 -1.80
N PRO A 67 13.73 3.17 -2.73
CA PRO A 67 14.94 3.08 -3.57
C PRO A 67 15.27 4.42 -4.25
N SER A 68 16.57 4.71 -4.33
CA SER A 68 17.06 5.98 -4.86
C SER A 68 16.71 6.12 -6.35
N ASP A 69 16.78 5.02 -7.08
CA ASP A 69 16.50 5.06 -8.52
C ASP A 69 15.06 5.52 -8.82
N PHE A 70 14.12 5.11 -7.94
CA PHE A 70 12.73 5.59 -7.99
C PHE A 70 12.60 7.09 -7.69
N LYS A 71 13.23 7.55 -6.62
CA LYS A 71 13.14 8.96 -6.25
C LYS A 71 13.81 9.88 -7.31
N GLN A 72 14.95 9.46 -7.84
CA GLN A 72 15.61 10.25 -8.90
C GLN A 72 14.66 10.34 -10.09
N ARG A 73 14.21 9.18 -10.55
CA ARG A 73 13.46 9.11 -11.79
C ARG A 73 12.15 9.88 -11.72
N LEU A 74 11.53 9.98 -10.54
CA LEU A 74 10.15 10.47 -10.48
C LEU A 74 9.92 11.62 -9.53
N TRP A 75 10.80 11.73 -8.52
CA TRP A 75 10.61 12.69 -7.44
C TRP A 75 11.71 13.78 -7.46
N LYS A 76 12.51 13.79 -8.54
CA LYS A 76 13.63 14.72 -8.68
C LYS A 76 14.70 14.45 -7.62
N GLY A 77 14.93 13.18 -7.31
CA GLY A 77 15.89 12.80 -6.30
C GLY A 77 15.47 13.19 -4.88
N GLN A 78 14.35 13.89 -4.75
CA GLN A 78 13.90 14.38 -3.46
C GLN A 78 13.11 13.35 -2.64
N ASP A 79 12.61 13.77 -1.49
CA ASP A 79 11.84 12.92 -0.60
C ASP A 79 10.36 13.25 -0.65
N ALA A 80 9.56 12.48 0.08
CA ALA A 80 8.09 12.60 -0.01
C ALA A 80 7.63 13.90 0.64
N GLU A 81 6.55 14.48 0.12
CA GLU A 81 6.04 15.75 0.67
C GLU A 81 4.70 15.61 1.38
N ALA A 82 3.93 14.62 1.00
CA ALA A 82 2.64 14.36 1.66
C ALA A 82 2.54 12.92 2.08
N ILE A 83 2.00 12.71 3.27
CA ILE A 83 1.97 11.39 3.86
C ILE A 83 0.58 11.19 4.47
N ILE A 84 -0.01 10.04 4.17
CA ILE A 84 -1.25 9.60 4.84
C ILE A 84 -1.07 8.23 5.51
N MET A 85 -1.42 8.15 6.79
CA MET A 85 -1.43 6.92 7.55
C MET A 85 -2.87 6.47 7.69
N GLN A 86 -3.14 5.21 7.40
CA GLN A 86 -4.50 4.72 7.39
C GLN A 86 -4.54 3.38 8.10
N VAL A 87 -5.46 3.25 9.04
CA VAL A 87 -5.69 2.00 9.74
C VAL A 87 -6.85 1.21 9.09
N TYR A 88 -6.69 -0.10 9.02
CA TYR A 88 -7.71 -0.98 8.50
C TYR A 88 -7.98 -2.05 9.54
N ASN A 89 -9.12 -1.94 10.23
CA ASN A 89 -9.60 -3.03 11.07
C ASN A 89 -10.30 -4.07 10.23
N PRO A 90 -10.49 -5.28 10.75
CA PRO A 90 -10.91 -6.36 9.85
C PRO A 90 -12.25 -6.00 9.20
N GLY A 91 -12.34 -6.17 7.89
CA GLY A 91 -13.52 -5.72 7.17
C GLY A 91 -13.37 -4.39 6.45
N ASP A 92 -12.35 -3.60 6.85
CA ASP A 92 -12.05 -2.33 6.18
C ASP A 92 -11.37 -2.56 4.84
N GLY A 93 -11.66 -1.66 3.90
CA GLY A 93 -10.96 -1.66 2.62
C GLY A 93 -11.06 -0.30 1.96
N ILE A 94 -10.82 -0.28 0.66
CA ILE A 94 -10.97 0.93 -0.09
C ILE A 94 -11.44 0.57 -1.49
N ILE A 95 -12.38 1.35 -2.02
CA ILE A 95 -12.98 1.02 -3.31
C ILE A 95 -11.93 1.24 -4.41
N PRO A 96 -12.14 0.59 -5.56
CA PRO A 96 -11.17 0.79 -6.65
C PRO A 96 -11.02 2.26 -6.97
N HIS A 97 -9.79 2.71 -7.18
CA HIS A 97 -9.54 4.08 -7.55
C HIS A 97 -8.15 4.24 -8.15
N LYS A 98 -7.95 5.36 -8.84
CA LYS A 98 -6.61 5.84 -9.23
C LYS A 98 -6.30 7.04 -8.36
N ASP A 99 -5.05 7.17 -7.89
CA ASP A 99 -4.74 8.26 -6.96
C ASP A 99 -4.89 9.63 -7.67
N LEU A 100 -5.24 10.67 -6.93
CA LEU A 100 -5.60 11.95 -7.52
C LEU A 100 -4.44 12.59 -8.28
N GLU A 101 -4.79 13.32 -9.34
CA GLU A 101 -3.80 13.82 -10.28
C GLU A 101 -2.93 14.89 -9.62
N MET A 102 -3.44 15.51 -8.55
CA MET A 102 -2.65 16.42 -7.73
C MET A 102 -1.31 15.83 -7.26
N PHE A 103 -1.17 14.50 -7.30
CA PHE A 103 0.05 13.87 -6.77
C PHE A 103 1.09 13.54 -7.85
N GLY A 104 0.69 13.42 -9.10
CA GLY A 104 1.66 13.04 -10.14
C GLY A 104 2.28 11.68 -9.83
N ASP A 105 3.40 11.35 -10.48
CA ASP A 105 3.77 9.96 -10.64
C ASP A 105 4.61 9.46 -9.46
N GLY A 106 4.44 8.19 -9.12
CA GLY A 106 5.24 7.56 -8.09
C GLY A 106 4.60 7.68 -6.74
N VAL A 107 4.03 6.56 -6.29
CA VAL A 107 3.38 6.45 -5.00
C VAL A 107 4.05 5.31 -4.24
N ALA A 108 4.40 5.57 -2.97
CA ALA A 108 5.06 4.57 -2.12
C ALA A 108 4.10 4.17 -0.99
N ILE A 109 3.88 2.88 -0.85
CA ILE A 109 3.09 2.38 0.28
C ILE A 109 3.91 1.43 1.15
N PHE A 110 4.04 1.81 2.42
CA PHE A 110 4.60 0.94 3.42
C PHE A 110 3.48 0.28 4.24
N SER A 111 3.62 -1.02 4.46
CA SER A 111 2.64 -1.78 5.20
C SER A 111 3.15 -2.18 6.59
N PHE A 112 2.24 -2.14 7.59
CA PHE A 112 2.56 -2.45 8.99
C PHE A 112 1.50 -3.33 9.62
N LEU A 113 1.93 -4.11 10.61
CA LEU A 113 1.04 -4.81 11.57
C LEU A 113 0.54 -6.16 11.05
N SER A 114 0.06 -6.21 9.84
CA SER A 114 -0.44 -7.46 9.30
C SER A 114 -0.56 -7.38 7.80
N ASN A 115 -0.99 -8.48 7.21
CA ASN A 115 -0.96 -8.66 5.78
C ASN A 115 -2.33 -8.40 5.21
N THR A 116 -2.37 -7.99 3.95
CA THR A 116 -3.64 -7.82 3.28
C THR A 116 -3.47 -8.07 1.78
N THR A 117 -4.57 -7.98 1.05
CA THR A 117 -4.55 -8.22 -0.37
C THR A 117 -5.05 -6.99 -1.11
N MET A 118 -4.29 -6.55 -2.12
CA MET A 118 -4.68 -5.43 -2.97
C MET A 118 -4.98 -6.00 -4.34
N ILE A 119 -6.00 -5.43 -4.97
CA ILE A 119 -6.46 -5.90 -6.27
C ILE A 119 -6.35 -4.75 -7.28
N PHE A 120 -5.77 -5.06 -8.43
CA PHE A 120 -5.72 -4.12 -9.52
C PHE A 120 -6.69 -4.51 -10.62
N THR A 121 -7.32 -3.48 -11.18
CA THR A 121 -8.43 -3.61 -12.11
C THR A 121 -8.16 -2.73 -13.34
N HIS A 122 -8.27 -3.32 -14.53
CA HIS A 122 -8.28 -2.56 -15.79
C HIS A 122 -9.56 -2.86 -16.59
N PRO A 123 -10.55 -1.96 -16.49
CA PRO A 123 -11.88 -2.18 -17.09
C PRO A 123 -11.84 -2.24 -18.61
N GLU A 124 -10.98 -1.45 -19.24
CA GLU A 124 -10.88 -1.48 -20.71
C GLU A 124 -10.23 -2.81 -21.18
N LEU A 125 -9.19 -3.25 -20.49
CA LEU A 125 -8.51 -4.53 -20.80
C LEU A 125 -9.32 -5.74 -20.33
N LYS A 126 -10.27 -5.50 -19.43
CA LYS A 126 -10.92 -6.58 -18.64
C LYS A 126 -9.89 -7.49 -17.96
N LEU A 127 -8.99 -6.88 -17.19
CA LEU A 127 -8.03 -7.67 -16.44
C LEU A 127 -8.10 -7.35 -14.95
N LYS A 128 -7.82 -8.38 -14.15
CA LYS A 128 -7.57 -8.22 -12.71
C LYS A 128 -6.19 -8.73 -12.41
N SER A 129 -5.57 -8.21 -11.35
CA SER A 129 -4.36 -8.80 -10.79
C SER A 129 -4.35 -8.54 -9.29
N LYS A 130 -3.63 -9.35 -8.55
CA LYS A 130 -3.71 -9.25 -7.11
C LYS A 130 -2.35 -9.36 -6.53
N ILE A 131 -2.12 -8.65 -5.43
CA ILE A 131 -0.84 -8.76 -4.75
C ILE A 131 -1.10 -8.79 -3.26
N ARG A 132 -0.33 -9.62 -2.58
CA ARG A 132 -0.42 -9.76 -1.15
C ARG A 132 0.56 -8.75 -0.54
N LEU A 133 0.04 -7.70 0.10
CA LEU A 133 0.88 -6.71 0.77
C LEU A 133 1.18 -7.19 2.18
N GLU A 134 2.42 -7.54 2.43
CA GLU A 134 2.80 -8.14 3.69
C GLU A 134 3.37 -7.11 4.63
N LYS A 135 3.23 -7.38 5.90
CA LYS A 135 3.81 -6.57 6.97
C LYS A 135 5.27 -6.26 6.68
N GLY A 136 5.64 -4.99 6.68
CA GLY A 136 7.06 -4.64 6.47
C GLY A 136 7.46 -4.41 5.02
N SER A 137 6.50 -4.54 4.11
CA SER A 137 6.77 -4.42 2.68
C SER A 137 6.63 -2.98 2.18
N LEU A 138 7.22 -2.75 1.02
CA LEU A 138 7.06 -1.52 0.32
C LEU A 138 6.46 -1.82 -1.06
N LEU A 139 5.45 -1.06 -1.42
CA LEU A 139 4.92 -1.10 -2.78
C LEU A 139 5.14 0.21 -3.43
N LEU A 140 5.76 0.20 -4.62
CA LEU A 140 5.87 1.39 -5.45
C LEU A 140 4.91 1.26 -6.62
N MET A 141 4.10 2.27 -6.82
CA MET A 141 3.19 2.33 -7.96
C MET A 141 3.49 3.57 -8.82
N SER A 142 3.74 3.34 -10.09
CA SER A 142 4.07 4.43 -11.01
C SER A 142 3.67 4.07 -12.46
N GLY A 143 3.69 5.05 -13.35
CA GLY A 143 3.53 4.79 -14.79
C GLY A 143 2.19 4.09 -15.05
N THR A 144 2.24 2.96 -15.75
CA THR A 144 1.03 2.27 -16.19
C THR A 144 0.16 1.86 -14.98
N ALA A 145 0.82 1.33 -13.97
CA ALA A 145 0.17 0.89 -12.71
C ALA A 145 -0.58 2.00 -12.04
N ARG A 146 -0.09 3.22 -12.20
CA ARG A 146 -0.57 4.37 -11.41
C ARG A 146 -1.59 5.21 -12.18
N TYR A 147 -1.54 5.12 -13.52
CA TYR A 147 -2.46 5.90 -14.39
C TYR A 147 -3.46 5.01 -15.13
N ASP A 148 -3.01 3.84 -15.59
CA ASP A 148 -3.82 2.96 -16.44
C ASP A 148 -4.74 2.03 -15.64
N TRP A 149 -4.36 1.69 -14.40
CA TRP A 149 -5.07 0.67 -13.61
C TRP A 149 -5.71 1.30 -12.37
N PHE A 150 -6.82 0.70 -11.89
CA PHE A 150 -7.36 1.02 -10.58
C PHE A 150 -6.76 0.09 -9.53
N HIS A 151 -6.67 0.57 -8.29
CA HIS A 151 -6.37 -0.33 -7.16
C HIS A 151 -7.40 -0.19 -6.03
N GLU A 152 -7.55 -1.26 -5.26
CA GLU A 152 -8.54 -1.34 -4.18
C GLU A 152 -8.04 -2.30 -3.12
N ILE A 153 -8.64 -2.25 -1.94
CA ILE A 153 -8.48 -3.32 -0.95
C ILE A 153 -9.87 -3.84 -0.62
N PRO A 154 -10.14 -5.11 -0.97
CA PRO A 154 -11.54 -5.58 -0.80
C PRO A 154 -12.00 -5.47 0.65
N PHE A 155 -13.27 -5.11 0.82
CA PHE A 155 -13.89 -5.01 2.12
C PHE A 155 -14.32 -6.40 2.62
N ARG A 156 -13.42 -7.04 3.34
CA ARG A 156 -13.70 -8.37 3.87
C ARG A 156 -12.80 -8.67 5.06
N ALA A 157 -13.04 -9.80 5.73
CA ALA A 157 -12.40 -10.05 7.02
C ALA A 157 -11.39 -11.15 6.93
N GLY A 158 -11.19 -11.68 5.73
CA GLY A 158 -10.07 -12.58 5.46
C GLY A 158 -9.76 -12.60 3.99
N ASP A 159 -8.72 -13.34 3.63
CA ASP A 159 -8.36 -13.49 2.24
C ASP A 159 -7.98 -14.91 2.05
N TRP A 160 -8.34 -15.49 0.91
CA TRP A 160 -7.82 -16.80 0.55
C TRP A 160 -6.40 -16.63 0.10
N VAL A 161 -5.48 -17.36 0.70
CA VAL A 161 -4.09 -17.26 0.36
C VAL A 161 -3.54 -18.66 0.07
N MET A 162 -2.84 -18.77 -1.06
CA MET A 162 -2.29 -20.01 -1.52
C MET A 162 -0.87 -20.07 -1.08
N ASN A 163 -0.51 -21.10 -0.32
CA ASN A 163 0.87 -21.32 0.07
C ASN A 163 1.19 -22.76 0.23
N ASP A 164 2.30 -23.16 -0.38
CA ASP A 164 2.80 -24.53 -0.31
C ASP A 164 1.72 -25.51 -0.81
N GLY A 165 0.99 -25.12 -1.86
CA GLY A 165 0.06 -26.01 -2.55
C GLY A 165 -1.34 -26.05 -1.93
N GLU A 166 -1.50 -25.35 -0.81
CA GLU A 166 -2.73 -25.37 -0.04
C GLU A 166 -3.26 -23.99 -0.03
N GLU A 167 -4.59 -23.88 0.00
CA GLU A 167 -5.29 -22.60 0.09
C GLU A 167 -6.08 -22.50 1.39
N LYS A 168 -5.87 -21.42 2.12
CA LYS A 168 -6.52 -21.19 3.42
C LYS A 168 -7.12 -19.81 3.45
N TRP A 169 -8.09 -19.62 4.31
CA TRP A 169 -8.69 -18.33 4.50
C TRP A 169 -8.02 -17.71 5.68
N VAL A 170 -7.15 -16.75 5.41
CA VAL A 170 -6.39 -16.08 6.47
C VAL A 170 -7.16 -14.88 6.94
N SER A 171 -7.59 -14.95 8.19
CA SER A 171 -8.29 -13.86 8.82
C SER A 171 -7.42 -12.61 8.80
N ARG A 172 -8.05 -11.47 8.64
CA ARG A 172 -7.37 -10.19 8.70
C ARG A 172 -7.22 -9.70 10.12
N SER A 173 -6.08 -9.10 10.41
CA SER A 173 -5.89 -8.34 11.63
C SER A 173 -5.84 -6.86 11.33
N GLN A 174 -5.68 -6.04 12.35
CA GLN A 174 -5.51 -4.63 12.14
C GLN A 174 -4.26 -4.37 11.31
N ARG A 175 -4.38 -3.43 10.37
CA ARG A 175 -3.30 -3.12 9.46
C ARG A 175 -3.18 -1.64 9.39
N LEU A 176 -1.93 -1.18 9.29
CA LEU A 176 -1.65 0.24 9.13
C LEU A 176 -0.83 0.42 7.87
N SER A 177 -1.24 1.34 7.02
CA SER A 177 -0.41 1.70 5.87
C SER A 177 0.11 3.12 5.99
N VAL A 178 1.29 3.34 5.45
CA VAL A 178 1.78 4.72 5.29
C VAL A 178 2.04 5.00 3.82
N THR A 179 1.31 5.96 3.28
CA THR A 179 1.35 6.26 1.85
C THR A 179 2.10 7.58 1.64
N MET A 180 3.13 7.51 0.81
CA MET A 180 4.05 8.62 0.63
C MET A 180 4.10 9.08 -0.83
N ARG A 181 3.82 10.35 -1.01
CA ARG A 181 3.65 10.91 -2.34
C ARG A 181 4.24 12.33 -2.42
N ARG A 182 4.36 12.83 -3.64
CA ARG A 182 4.70 14.22 -3.83
C ARG A 182 3.52 14.97 -4.43
N ILE A 183 3.50 16.29 -4.23
CA ILE A 183 2.49 17.14 -4.84
C ILE A 183 3.13 17.77 -6.05
N ILE A 184 2.42 17.74 -7.18
CA ILE A 184 3.06 18.06 -8.45
C ILE A 184 3.07 19.57 -8.69
#